data_5EIW
#
_entry.id   5EIW
#
_cell.length_a   61.260
_cell.length_b   184.370
_cell.length_c   51.980
_cell.angle_alpha   90.00
_cell.angle_beta   90.00
_cell.angle_gamma   90.00
#
_symmetry.space_group_name_H-M   'P 21 21 2'
#
loop_
_entity.id
_entity.type
_entity.pdbx_description
1 polymer 'NS5 methyltransferase'
2 non-polymer S-ADENOSYLMETHIONINE
3 non-polymer 4-(TRIFLUOROMETHYL)BENZENE-1,2-DIAMINE
4 water water
#
_entity_poly.entity_id   1
_entity_poly.type   'polypeptide(L)'
_entity_poly.pdbx_seq_one_letter_code
;GTGSQGETLGEKWKKKLNQLSRKEFDLYKKSGITEVDRTEAKEGLKRGETTHHAVSRGSAKLQWFVERNMVIPEGRVIDL
GCGRGGWSYYCAGLKKVTEVRGYTKGGPGHEEPVPMSTYGWNIVKLMSGKDVFYLPPEKCDTLLCDIGESSPSPTVEESR
TIRVLKMVEPWLKNNQFCIKVLNPYMPTVIEHLERLQRKHGGMLVRNPLSRNSTHEMYWISNGTGNIVSSVNMVSRLLLN
RFTMTHRRPTIEKDVDLGAGTRHVNAEPETPNMDVI
;
_entity_poly.pdbx_strand_id   A,C
#
loop_
_chem_comp.id
_chem_comp.type
_chem_comp.name
_chem_comp.formula
SAM non-polymer S-ADENOSYLMETHIONINE 'C15 H22 N6 O5 S'
X0V non-polymer 4-(TRIFLUOROMETHYL)BENZENE-1,2-DIAMINE 'C7 H7 F3 N2'
#
# COMPACT_ATOMS: atom_id res chain seq x y z
N GLU A 7 24.11 19.66 -8.98
CA GLU A 7 24.36 18.78 -7.82
C GLU A 7 24.02 19.51 -6.51
N THR A 8 23.20 18.88 -5.65
CA THR A 8 22.83 19.50 -4.39
C THR A 8 23.96 19.36 -3.36
N LEU A 9 23.93 20.19 -2.28
CA LEU A 9 24.90 20.11 -1.20
C LEU A 9 24.85 18.72 -0.57
N GLY A 10 23.65 18.16 -0.45
CA GLY A 10 23.43 16.83 0.12
C GLY A 10 24.13 15.75 -0.69
N GLU A 11 24.09 15.87 -2.03
CA GLU A 11 24.78 14.92 -2.93
C GLU A 11 26.31 15.01 -2.74
N LYS A 12 26.81 16.21 -2.47
CA LYS A 12 28.24 16.39 -2.21
C LYS A 12 28.60 15.74 -0.88
N TRP A 13 27.74 15.91 0.14
CA TRP A 13 27.90 15.30 1.44
C TRP A 13 27.90 13.77 1.27
N LYS A 14 27.00 13.26 0.43
CA LYS A 14 26.89 11.81 0.20
C LYS A 14 28.17 11.23 -0.43
N LYS A 15 28.71 11.92 -1.45
CA LYS A 15 29.92 11.45 -2.13
C LYS A 15 31.09 11.41 -1.14
N LYS A 16 31.19 12.43 -0.25
CA LYS A 16 32.27 12.48 0.74
C LYS A 16 32.13 11.35 1.78
N LEU A 17 30.90 11.09 2.23
CA LEU A 17 30.63 10.02 3.20
C LEU A 17 31.06 8.66 2.66
N ASN A 18 30.73 8.38 1.38
CA ASN A 18 31.05 7.15 0.66
C ASN A 18 32.53 6.93 0.43
N GLN A 19 33.34 8.00 0.48
CA GLN A 19 34.79 7.88 0.26
C GLN A 19 35.49 7.53 1.57
N LEU A 20 34.80 7.72 2.73
CA LEU A 20 35.40 7.47 4.03
C LEU A 20 35.81 6.04 4.25
N SER A 21 36.94 5.86 4.97
CA SER A 21 37.36 4.53 5.40
C SER A 21 36.43 4.16 6.55
N ARG A 22 36.41 2.87 6.95
CA ARG A 22 35.59 2.49 8.10
C ARG A 22 35.99 3.33 9.32
N LYS A 23 37.31 3.46 9.58
CA LYS A 23 37.82 4.23 10.72
C LYS A 23 37.28 5.68 10.70
N GLU A 24 37.44 6.40 9.57
CA GLU A 24 36.94 7.78 9.39
C GLU A 24 35.41 7.81 9.56
N PHE A 25 34.68 6.84 8.96
CA PHE A 25 33.23 6.78 9.08
C PHE A 25 32.78 6.68 10.57
N ASP A 26 33.43 5.77 11.33
CA ASP A 26 33.17 5.53 12.74
C ASP A 26 33.46 6.77 13.58
N LEU A 27 34.53 7.55 13.23
CA LEU A 27 34.83 8.81 13.95
C LEU A 27 33.89 9.96 13.57
N TYR A 28 33.37 9.95 12.34
CA TYR A 28 32.41 10.94 11.84
C TYR A 28 30.98 10.80 12.36
N LYS A 29 30.47 9.56 12.35
CA LYS A 29 29.07 9.24 12.59
C LYS A 29 28.45 9.84 13.86
N LYS A 30 29.19 9.92 14.99
CA LYS A 30 28.64 10.51 16.23
C LYS A 30 29.27 11.85 16.60
N SER A 31 30.11 12.45 15.70
CA SER A 31 30.75 13.72 15.99
C SER A 31 29.74 14.84 16.27
N GLY A 32 29.77 15.36 17.50
CA GLY A 32 28.89 16.47 17.86
C GLY A 32 27.40 16.17 17.98
N ILE A 33 26.99 14.90 17.86
CA ILE A 33 25.56 14.55 17.95
C ILE A 33 25.10 14.52 19.42
N THR A 34 23.81 14.20 19.64
CA THR A 34 23.26 13.94 20.97
C THR A 34 22.91 12.47 20.96
N GLU A 35 23.10 11.79 22.10
CA GLU A 35 22.68 10.37 22.21
C GLU A 35 22.30 10.06 23.62
N VAL A 36 21.48 9.04 23.80
CA VAL A 36 21.13 8.60 25.15
C VAL A 36 22.10 7.48 25.57
N ASP A 37 22.34 7.35 26.87
CA ASP A 37 23.18 6.28 27.40
C ASP A 37 22.31 5.02 27.53
N ARG A 38 22.53 4.04 26.62
CA ARG A 38 21.76 2.80 26.56
C ARG A 38 22.25 1.69 27.51
N THR A 39 23.37 1.91 28.25
CA THR A 39 23.99 0.88 29.11
C THR A 39 22.98 0.16 30.04
N GLU A 40 22.26 0.92 30.89
CA GLU A 40 21.29 0.32 31.84
C GLU A 40 20.20 -0.48 31.11
N ALA A 41 19.61 0.11 30.04
CA ALA A 41 18.56 -0.57 29.25
C ALA A 41 19.06 -1.84 28.61
N LYS A 42 20.27 -1.82 28.01
CA LYS A 42 20.82 -3.04 27.40
C LYS A 42 21.02 -4.17 28.42
N GLU A 43 21.53 -3.86 29.64
N GLU A 43 21.52 -3.83 29.64
CA GLU A 43 21.72 -4.91 30.66
CA GLU A 43 21.74 -4.79 30.72
C GLU A 43 20.37 -5.44 31.12
C GLU A 43 20.42 -5.39 31.15
N GLY A 44 19.40 -4.55 31.34
CA GLY A 44 18.06 -4.97 31.76
C GLY A 44 17.37 -5.86 30.72
N LEU A 45 17.49 -5.46 29.42
CA LEU A 45 16.93 -6.18 28.28
C LEU A 45 17.57 -7.55 28.15
N LYS A 46 18.89 -7.63 28.36
CA LYS A 46 19.64 -8.89 28.32
C LYS A 46 19.09 -9.89 29.36
N ARG A 47 18.67 -9.37 30.54
CA ARG A 47 18.14 -10.12 31.69
C ARG A 47 16.63 -10.39 31.60
N GLY A 48 16.00 -9.97 30.52
CA GLY A 48 14.57 -10.18 30.28
C GLY A 48 13.67 -9.28 31.10
N GLU A 49 14.16 -8.12 31.55
CA GLU A 49 13.35 -7.17 32.30
C GLU A 49 12.33 -6.53 31.34
N THR A 50 11.07 -6.42 31.77
CA THR A 50 10.01 -5.92 30.90
C THR A 50 9.46 -4.57 31.34
N THR A 51 9.98 -4.02 32.45
CA THR A 51 9.51 -2.71 32.89
C THR A 51 10.60 -1.66 32.78
N HIS A 52 10.19 -0.40 32.68
CA HIS A 52 11.03 0.80 32.64
C HIS A 52 11.82 1.00 31.34
N HIS A 53 12.53 -0.04 30.87
CA HIS A 53 13.42 0.14 29.72
C HIS A 53 12.71 0.38 28.42
N ALA A 54 13.33 1.26 27.58
CA ALA A 54 12.96 1.48 26.19
C ALA A 54 13.65 0.33 25.42
N VAL A 55 12.94 -0.25 24.43
CA VAL A 55 13.45 -1.40 23.64
C VAL A 55 14.55 -0.98 22.66
N SER A 56 14.61 0.31 22.34
CA SER A 56 15.56 0.84 21.38
C SER A 56 15.82 2.32 21.68
N ARG A 57 16.75 2.93 20.90
CA ARG A 57 17.02 4.35 20.98
C ARG A 57 15.82 5.16 20.46
N GLY A 58 14.89 4.50 19.75
CA GLY A 58 13.74 5.16 19.13
C GLY A 58 12.80 5.87 20.11
N SER A 59 12.62 5.31 21.33
CA SER A 59 11.73 5.97 22.30
C SER A 59 12.22 7.38 22.60
N ALA A 60 13.54 7.53 22.85
CA ALA A 60 14.10 8.87 23.13
C ALA A 60 14.01 9.78 21.92
N LYS A 61 14.17 9.17 20.69
CA LYS A 61 14.15 9.91 19.42
C LYS A 61 12.79 10.58 19.17
N LEU A 62 11.69 9.80 19.31
CA LEU A 62 10.34 10.33 19.16
C LEU A 62 10.03 11.29 20.30
N GLN A 63 10.48 10.97 21.51
CA GLN A 63 10.27 11.81 22.70
C GLN A 63 10.78 13.26 22.43
N TRP A 64 11.92 13.40 21.73
CA TRP A 64 12.48 14.70 21.41
C TRP A 64 11.46 15.54 20.64
N PHE A 65 10.78 14.95 19.62
CA PHE A 65 9.76 15.70 18.88
C PHE A 65 8.54 16.03 19.74
N VAL A 66 8.01 15.01 20.48
CA VAL A 66 6.80 15.17 21.29
C VAL A 66 6.95 16.26 22.37
N GLU A 67 8.07 16.27 23.11
CA GLU A 67 8.33 17.24 24.18
C GLU A 67 8.48 18.65 23.64
N ARG A 68 8.71 18.80 22.32
CA ARG A 68 8.80 20.08 21.64
C ARG A 68 7.47 20.41 20.91
N ASN A 69 6.43 19.59 21.14
CA ASN A 69 5.08 19.76 20.54
C ASN A 69 5.05 19.71 18.99
N MET A 70 6.08 19.10 18.38
CA MET A 70 6.18 18.99 16.92
C MET A 70 5.19 18.00 16.36
N VAL A 71 4.87 16.99 17.17
CA VAL A 71 3.84 16.03 16.94
C VAL A 71 3.26 15.73 18.31
N ILE A 72 1.96 15.74 18.40
CA ILE A 72 1.27 15.52 19.68
C ILE A 72 0.41 14.28 19.54
N PRO A 73 0.96 13.11 19.93
CA PRO A 73 0.19 11.86 19.76
C PRO A 73 -1.10 11.88 20.53
N GLU A 74 -2.18 11.41 19.86
CA GLU A 74 -3.53 11.36 20.40
C GLU A 74 -4.36 10.25 19.76
N GLY A 75 -5.39 9.81 20.47
CA GLY A 75 -6.34 8.83 19.98
C GLY A 75 -5.69 7.53 19.55
N ARG A 76 -6.10 7.06 18.39
CA ARG A 76 -5.56 5.81 17.83
C ARG A 76 -4.29 6.17 17.06
N VAL A 77 -3.14 5.66 17.53
CA VAL A 77 -1.81 5.93 16.93
C VAL A 77 -1.43 4.72 16.06
N ILE A 78 -1.00 4.98 14.80
CA ILE A 78 -0.49 3.93 13.90
C ILE A 78 1.02 4.19 13.83
N ASP A 79 1.80 3.15 14.07
CA ASP A 79 3.25 3.24 14.04
C ASP A 79 3.76 2.32 12.90
N LEU A 80 4.06 2.91 11.73
CA LEU A 80 4.49 2.13 10.56
C LEU A 80 6.00 1.90 10.64
N GLY A 81 6.44 0.63 10.51
CA GLY A 81 7.84 0.24 10.67
C GLY A 81 8.23 0.32 12.14
N CYS A 82 7.43 -0.31 12.99
CA CYS A 82 7.63 -0.22 14.46
C CYS A 82 8.88 -0.95 14.96
N GLY A 83 9.46 -1.86 14.15
CA GLY A 83 10.63 -2.61 14.58
C GLY A 83 10.38 -3.23 15.96
N ARG A 84 11.33 -3.02 16.88
CA ARG A 84 11.22 -3.53 18.26
C ARG A 84 10.07 -2.90 19.04
N GLY A 85 9.64 -1.69 18.62
CA GLY A 85 8.51 -0.98 19.20
C GLY A 85 8.81 0.25 20.02
N GLY A 86 9.99 0.90 19.86
CA GLY A 86 10.33 2.05 20.68
C GLY A 86 9.35 3.21 20.64
N TRP A 87 8.82 3.53 19.44
CA TRP A 87 7.87 4.65 19.32
C TRP A 87 6.54 4.24 19.92
N SER A 88 6.13 2.97 19.74
CA SER A 88 4.85 2.48 20.23
C SER A 88 4.79 2.43 21.75
N TYR A 89 5.86 1.93 22.40
CA TYR A 89 5.81 1.90 23.88
C TYR A 89 5.90 3.31 24.47
N TYR A 90 6.59 4.23 23.78
CA TYR A 90 6.65 5.60 24.26
C TYR A 90 5.25 6.26 24.18
N CYS A 91 4.57 6.11 23.01
CA CYS A 91 3.23 6.68 22.82
C CYS A 91 2.22 6.10 23.78
N ALA A 92 2.39 4.81 24.14
CA ALA A 92 1.42 4.16 25.04
C ALA A 92 1.30 4.79 26.41
N GLY A 93 2.32 5.55 26.81
CA GLY A 93 2.35 6.22 28.10
C GLY A 93 1.82 7.65 28.12
N LEU A 94 1.39 8.18 26.94
CA LEU A 94 0.92 9.57 26.80
C LEU A 94 -0.58 9.70 27.06
N LYS A 95 -0.99 10.68 27.92
CA LYS A 95 -2.40 10.81 28.36
C LYS A 95 -3.44 10.85 27.20
N LYS A 96 -3.17 11.57 26.09
CA LYS A 96 -4.13 11.70 24.96
C LYS A 96 -4.27 10.45 24.08
N VAL A 97 -3.33 9.53 24.22
CA VAL A 97 -3.28 8.31 23.41
C VAL A 97 -4.23 7.24 24.00
N THR A 98 -5.09 6.67 23.14
CA THR A 98 -6.06 5.64 23.55
C THR A 98 -5.72 4.24 23.03
N GLU A 99 -5.01 4.15 21.89
CA GLU A 99 -4.64 2.90 21.23
C GLU A 99 -3.37 3.09 20.40
N VAL A 100 -2.53 2.04 20.40
CA VAL A 100 -1.29 2.02 19.62
C VAL A 100 -1.26 0.73 18.80
N ARG A 101 -1.22 0.87 17.46
CA ARG A 101 -1.14 -0.28 16.56
C ARG A 101 0.18 -0.12 15.80
N GLY A 102 1.13 -1.03 16.05
CA GLY A 102 2.42 -1.00 15.34
C GLY A 102 2.51 -2.10 14.30
N TYR A 103 3.06 -1.77 13.12
CA TYR A 103 3.24 -2.76 12.04
C TYR A 103 4.67 -2.80 11.65
N THR A 104 5.26 -4.01 11.46
CA THR A 104 6.65 -4.08 11.00
C THR A 104 6.83 -5.32 10.14
N LYS A 105 7.79 -5.27 9.22
CA LYS A 105 7.99 -6.37 8.28
C LYS A 105 8.47 -7.68 8.96
N GLY A 106 9.52 -7.59 9.79
CA GLY A 106 10.09 -8.78 10.42
C GLY A 106 10.81 -9.66 9.42
N GLY A 107 11.26 -10.81 9.89
CA GLY A 107 11.99 -11.78 9.07
C GLY A 107 13.43 -11.36 8.84
N PRO A 108 14.18 -12.15 8.06
CA PRO A 108 15.58 -11.82 7.76
C PRO A 108 15.85 -10.37 7.34
N GLY A 109 16.87 -9.79 7.94
CA GLY A 109 17.26 -8.39 7.74
C GLY A 109 16.43 -7.34 8.52
N HIS A 110 15.40 -7.79 9.27
CA HIS A 110 14.45 -6.92 9.96
C HIS A 110 14.26 -7.28 11.41
N GLU A 111 14.00 -6.26 12.25
N GLU A 111 13.94 -6.27 12.22
CA GLU A 111 13.83 -6.44 13.69
CA GLU A 111 13.73 -6.42 13.64
C GLU A 111 12.41 -6.90 14.00
C GLU A 111 12.39 -7.04 13.90
N GLU A 112 12.27 -7.77 15.01
CA GLU A 112 10.98 -8.29 15.46
C GLU A 112 10.46 -7.41 16.64
N PRO A 113 9.14 -7.29 16.85
CA PRO A 113 8.66 -6.56 18.04
C PRO A 113 9.09 -7.23 19.34
N VAL A 114 9.39 -6.42 20.37
CA VAL A 114 9.82 -6.93 21.68
C VAL A 114 8.63 -6.75 22.64
N PRO A 115 8.15 -7.82 23.31
CA PRO A 115 7.02 -7.65 24.24
C PRO A 115 7.49 -6.95 25.51
N MET A 116 6.79 -5.90 25.96
CA MET A 116 7.19 -5.19 27.17
C MET A 116 5.97 -4.94 28.04
N SER A 117 6.20 -4.55 29.32
CA SER A 117 5.14 -4.26 30.28
C SER A 117 5.37 -2.85 30.83
N THR A 118 5.90 -1.95 29.98
CA THR A 118 6.10 -0.56 30.31
C THR A 118 4.71 0.10 30.42
N TYR A 119 4.65 1.29 30.99
CA TYR A 119 3.39 2.01 31.21
C TYR A 119 2.51 2.11 29.95
N GLY A 120 1.27 1.63 30.09
CA GLY A 120 0.31 1.67 29.01
C GLY A 120 0.42 0.55 28.00
N TRP A 121 1.19 -0.51 28.34
CA TRP A 121 1.42 -1.68 27.46
C TRP A 121 0.12 -2.35 26.94
N ASN A 122 -0.94 -2.27 27.74
CA ASN A 122 -2.22 -2.91 27.43
C ASN A 122 -2.96 -2.25 26.24
N ILE A 123 -2.57 -1.03 25.83
CA ILE A 123 -3.22 -0.39 24.68
C ILE A 123 -2.38 -0.56 23.41
N VAL A 124 -1.28 -1.34 23.49
CA VAL A 124 -0.34 -1.61 22.38
C VAL A 124 -0.59 -2.98 21.73
N LYS A 125 -0.58 -2.99 20.41
CA LYS A 125 -0.61 -4.22 19.62
C LYS A 125 0.45 -4.05 18.50
N LEU A 126 1.54 -4.84 18.57
CA LEU A 126 2.59 -4.82 17.55
C LEU A 126 2.45 -6.06 16.72
N MET A 127 2.41 -5.89 15.40
CA MET A 127 2.22 -7.00 14.48
C MET A 127 3.36 -7.08 13.51
N SER A 128 4.05 -8.22 13.49
CA SER A 128 5.16 -8.41 12.55
C SER A 128 4.60 -9.07 11.28
N GLY A 129 5.46 -9.27 10.28
CA GLY A 129 5.04 -9.91 9.04
C GLY A 129 4.10 -9.02 8.23
N LYS A 130 4.20 -7.69 8.46
CA LYS A 130 3.34 -6.68 7.84
C LYS A 130 4.19 -5.71 7.04
N ASP A 131 4.17 -5.86 5.73
CA ASP A 131 4.93 -4.97 4.85
C ASP A 131 3.96 -3.85 4.52
N VAL A 132 4.25 -2.62 5.01
CA VAL A 132 3.33 -1.48 4.86
C VAL A 132 2.99 -1.14 3.42
N PHE A 133 3.86 -1.49 2.48
CA PHE A 133 3.65 -1.21 1.07
C PHE A 133 2.55 -2.06 0.45
N TYR A 134 2.04 -3.04 1.24
CA TYR A 134 0.93 -3.88 0.84
C TYR A 134 -0.29 -3.72 1.76
N LEU A 135 -0.23 -2.74 2.67
CA LEU A 135 -1.35 -2.59 3.61
C LEU A 135 -2.36 -1.55 3.14
N PRO A 136 -3.66 -1.80 3.34
CA PRO A 136 -4.64 -0.76 3.08
C PRO A 136 -4.58 0.25 4.24
N PRO A 137 -4.86 1.54 3.97
CA PRO A 137 -4.84 2.52 5.07
C PRO A 137 -6.01 2.31 6.04
N GLU A 138 -5.78 2.69 7.30
CA GLU A 138 -6.74 2.55 8.40
C GLU A 138 -7.12 3.88 9.03
N LYS A 139 -8.28 3.96 9.67
CA LYS A 139 -8.69 5.16 10.40
C LYS A 139 -7.75 5.31 11.62
N CYS A 140 -7.19 6.50 11.79
CA CYS A 140 -6.29 6.79 12.93
C CYS A 140 -6.25 8.26 13.20
N ASP A 141 -5.87 8.63 14.42
CA ASP A 141 -5.74 10.04 14.82
C ASP A 141 -4.30 10.55 14.72
N THR A 142 -3.33 9.62 14.78
CA THR A 142 -1.90 9.92 14.68
C THR A 142 -1.26 8.92 13.74
N LEU A 143 -0.45 9.42 12.78
CA LEU A 143 0.26 8.56 11.84
C LEU A 143 1.75 8.76 12.03
N LEU A 144 2.43 7.71 12.46
CA LEU A 144 3.88 7.74 12.66
C LEU A 144 4.51 6.77 11.66
N CYS A 145 5.66 7.15 11.08
CA CYS A 145 6.36 6.24 10.16
C CYS A 145 7.85 6.50 10.29
N ASP A 146 8.63 5.44 10.54
CA ASP A 146 10.08 5.50 10.71
C ASP A 146 10.82 4.60 9.72
N ILE A 147 10.28 4.45 8.52
CA ILE A 147 10.84 3.56 7.51
C ILE A 147 11.71 4.34 6.54
N GLY A 148 12.82 3.74 6.16
CA GLY A 148 13.72 4.29 5.15
C GLY A 148 15.11 3.71 5.34
N GLU A 149 15.47 2.75 4.50
CA GLU A 149 16.72 2.03 4.62
C GLU A 149 17.83 2.77 3.87
N SER A 150 18.89 3.14 4.60
CA SER A 150 20.02 3.83 3.98
C SER A 150 20.72 2.96 2.92
N SER A 151 21.32 3.63 1.95
CA SER A 151 22.07 2.97 0.89
C SER A 151 23.20 3.89 0.46
N PRO A 152 24.35 3.34 0.01
CA PRO A 152 25.40 4.20 -0.55
C PRO A 152 24.92 4.95 -1.79
N SER A 153 23.90 4.42 -2.50
CA SER A 153 23.28 5.05 -3.65
C SER A 153 22.19 6.05 -3.27
N PRO A 154 22.37 7.34 -3.55
CA PRO A 154 21.28 8.29 -3.22
C PRO A 154 20.08 8.14 -4.18
N THR A 155 20.30 7.52 -5.37
CA THR A 155 19.18 7.25 -6.28
C THR A 155 18.32 6.13 -5.71
N VAL A 156 18.92 5.09 -5.06
CA VAL A 156 18.17 4.03 -4.35
C VAL A 156 17.37 4.72 -3.21
N GLU A 157 18.05 5.58 -2.45
CA GLU A 157 17.40 6.29 -1.33
C GLU A 157 16.26 7.21 -1.78
N GLU A 158 16.42 7.87 -2.96
CA GLU A 158 15.39 8.73 -3.56
C GLU A 158 14.11 7.90 -3.78
N SER A 159 14.28 6.72 -4.42
CA SER A 159 13.19 5.81 -4.69
C SER A 159 12.51 5.37 -3.41
N ARG A 160 13.31 4.92 -2.39
CA ARG A 160 12.78 4.48 -1.10
C ARG A 160 12.00 5.55 -0.40
N THR A 161 12.54 6.78 -0.46
CA THR A 161 11.92 7.94 0.18
C THR A 161 10.58 8.31 -0.47
N ILE A 162 10.57 8.44 -1.81
CA ILE A 162 9.35 8.78 -2.56
C ILE A 162 8.32 7.66 -2.32
N ARG A 163 8.75 6.38 -2.34
CA ARG A 163 7.78 5.31 -2.06
C ARG A 163 7.12 5.48 -0.67
N VAL A 164 7.92 5.81 0.37
CA VAL A 164 7.35 6.04 1.72
C VAL A 164 6.34 7.22 1.65
N LEU A 165 6.76 8.33 1.02
CA LEU A 165 5.93 9.54 0.99
C LEU A 165 4.58 9.30 0.33
N LYS A 166 4.60 8.54 -0.77
CA LYS A 166 3.37 8.16 -1.45
C LYS A 166 2.51 7.19 -0.62
N MET A 167 3.15 6.21 0.04
CA MET A 167 2.44 5.21 0.86
C MET A 167 1.74 5.84 2.07
N VAL A 168 2.40 6.78 2.78
CA VAL A 168 1.78 7.40 3.98
C VAL A 168 0.59 8.32 3.70
N GLU A 169 0.57 8.98 2.54
CA GLU A 169 -0.42 10.01 2.20
C GLU A 169 -1.87 9.62 2.50
N PRO A 170 -2.42 8.47 2.06
CA PRO A 170 -3.83 8.14 2.44
C PRO A 170 -4.02 7.90 3.93
N TRP A 171 -2.94 7.59 4.69
CA TRP A 171 -3.07 7.44 6.15
C TRP A 171 -3.17 8.82 6.81
N LEU A 172 -2.88 9.89 6.02
CA LEU A 172 -2.90 11.31 6.36
C LEU A 172 -4.15 11.97 5.84
N LYS A 173 -4.99 12.36 6.76
CA LYS A 173 -6.20 13.10 6.49
C LYS A 173 -6.50 13.76 7.79
N ASN A 174 -6.00 15.00 7.90
CA ASN A 174 -6.16 15.87 9.06
C ASN A 174 -5.71 15.19 10.38
N ASN A 175 -4.58 14.46 10.36
CA ASN A 175 -4.09 13.85 11.59
C ASN A 175 -2.74 14.38 12.03
N GLN A 176 -2.38 14.10 13.29
CA GLN A 176 -1.05 14.36 13.80
C GLN A 176 -0.12 13.38 13.07
N PHE A 177 1.09 13.81 12.74
CA PHE A 177 2.00 12.90 12.05
C PHE A 177 3.48 13.22 12.29
N CYS A 178 4.30 12.17 12.24
CA CYS A 178 5.76 12.25 12.32
C CYS A 178 6.28 11.15 11.38
N ILE A 179 6.87 11.56 10.24
CA ILE A 179 7.31 10.66 9.17
C ILE A 179 8.79 10.85 8.82
N LYS A 180 9.56 9.75 8.90
CA LYS A 180 10.94 9.84 8.49
C LYS A 180 11.06 10.11 6.98
N VAL A 181 11.95 11.02 6.61
CA VAL A 181 12.28 11.32 5.22
C VAL A 181 13.76 10.98 5.12
N LEU A 182 14.04 9.72 4.68
CA LEU A 182 15.39 9.18 4.61
C LEU A 182 16.32 10.10 3.84
N ASN A 183 15.94 10.50 2.64
CA ASN A 183 16.79 11.34 1.78
C ASN A 183 15.95 12.54 1.38
N PRO A 184 16.12 13.68 2.08
CA PRO A 184 15.28 14.84 1.79
C PRO A 184 15.97 15.82 0.84
N TYR A 185 17.20 15.53 0.37
CA TYR A 185 17.94 16.47 -0.46
C TYR A 185 17.80 16.26 -1.94
N MET A 186 17.35 15.07 -2.38
CA MET A 186 17.29 14.85 -3.82
C MET A 186 16.16 15.71 -4.42
N PRO A 187 16.41 16.44 -5.55
CA PRO A 187 15.37 17.32 -6.13
C PRO A 187 13.96 16.74 -6.28
N THR A 188 13.83 15.49 -6.73
CA THR A 188 12.49 14.91 -6.89
C THR A 188 11.82 14.70 -5.53
N VAL A 189 12.61 14.41 -4.47
CA VAL A 189 12.08 14.30 -3.11
C VAL A 189 11.54 15.67 -2.66
N ILE A 190 12.34 16.74 -2.86
CA ILE A 190 11.93 18.11 -2.50
C ILE A 190 10.56 18.45 -3.14
N GLU A 191 10.39 18.16 -4.46
CA GLU A 191 9.15 18.37 -5.24
C GLU A 191 7.95 17.72 -4.54
N HIS A 192 8.07 16.44 -4.14
CA HIS A 192 6.99 15.72 -3.46
C HIS A 192 6.68 16.35 -2.12
N LEU A 193 7.73 16.64 -1.34
CA LEU A 193 7.63 17.26 -0.02
C LEU A 193 6.89 18.58 -0.06
N GLU A 194 7.22 19.43 -1.06
CA GLU A 194 6.60 20.76 -1.24
C GLU A 194 5.12 20.60 -1.52
N ARG A 195 4.77 19.63 -2.37
CA ARG A 195 3.39 19.32 -2.70
C ARG A 195 2.62 18.83 -1.45
N LEU A 196 3.24 17.95 -0.66
CA LEU A 196 2.64 17.39 0.56
C LEU A 196 2.43 18.45 1.62
N GLN A 197 3.41 19.35 1.76
CA GLN A 197 3.34 20.47 2.71
C GLN A 197 2.19 21.43 2.31
N ARG A 198 2.02 21.72 1.01
CA ARG A 198 0.91 22.58 0.53
C ARG A 198 -0.46 21.99 0.86
N LYS A 199 -0.59 20.63 0.88
CA LYS A 199 -1.84 19.94 1.15
C LYS A 199 -2.08 19.64 2.63
N HIS A 200 -1.07 19.09 3.32
CA HIS A 200 -1.12 18.64 4.71
C HIS A 200 -0.39 19.51 5.75
N GLY A 201 0.38 20.50 5.30
CA GLY A 201 1.12 21.41 6.16
C GLY A 201 2.31 20.74 6.80
N GLY A 202 2.69 21.22 7.98
CA GLY A 202 3.84 20.65 8.66
C GLY A 202 5.17 21.19 8.16
N MET A 203 6.27 20.63 8.69
CA MET A 203 7.63 21.07 8.40
C MET A 203 8.64 19.92 8.56
N LEU A 204 9.81 20.04 7.91
CA LEU A 204 10.91 19.09 8.00
C LEU A 204 11.84 19.55 9.12
N VAL A 205 12.15 18.64 10.06
CA VAL A 205 12.98 18.92 11.24
C VAL A 205 14.10 17.89 11.39
N ARG A 206 15.31 18.40 11.63
CA ARG A 206 16.45 17.54 11.88
C ARG A 206 16.49 17.24 13.40
N ASN A 207 16.52 15.94 13.75
CA ASN A 207 16.58 15.52 15.14
C ASN A 207 18.06 15.45 15.59
N PRO A 208 18.45 16.08 16.74
CA PRO A 208 19.87 16.06 17.14
C PRO A 208 20.37 14.69 17.56
N LEU A 209 19.45 13.71 17.73
CA LEU A 209 19.82 12.36 18.06
C LEU A 209 20.10 11.54 16.79
N SER A 210 19.89 12.12 15.58
CA SER A 210 20.21 11.39 14.35
C SER A 210 21.74 11.42 14.18
N ARG A 211 22.32 10.31 13.72
CA ARG A 211 23.75 10.25 13.45
C ARG A 211 24.14 11.06 12.23
N ASN A 212 25.41 11.46 12.14
CA ASN A 212 25.86 12.25 10.99
C ASN A 212 25.91 11.43 9.70
N SER A 213 25.91 10.10 9.83
CA SER A 213 25.95 9.17 8.68
C SER A 213 24.60 9.12 7.91
N THR A 214 23.55 9.77 8.43
CA THR A 214 22.27 9.85 7.71
C THR A 214 21.84 11.30 7.58
N HIS A 215 21.20 11.64 6.43
CA HIS A 215 20.73 13.03 6.22
C HIS A 215 19.23 13.08 6.52
N GLU A 216 18.71 12.03 7.18
CA GLU A 216 17.29 11.92 7.48
C GLU A 216 16.75 13.19 8.20
N MET A 217 15.53 13.56 7.85
CA MET A 217 14.79 14.64 8.57
C MET A 217 13.40 14.10 8.71
N TYR A 218 12.65 14.61 9.68
CA TYR A 218 11.31 14.11 9.92
C TYR A 218 10.26 15.16 9.58
N TRP A 219 9.27 14.73 8.78
CA TRP A 219 8.14 15.59 8.45
C TRP A 219 7.13 15.46 9.59
N ILE A 220 7.02 16.52 10.41
CA ILE A 220 6.14 16.60 11.56
C ILE A 220 4.96 17.52 11.23
N SER A 221 3.79 17.23 11.81
CA SER A 221 2.58 17.99 11.53
C SER A 221 2.51 19.40 12.12
N ASN A 222 3.06 19.61 13.32
CA ASN A 222 2.93 20.91 14.01
C ASN A 222 4.13 21.81 13.81
N GLY A 223 4.13 22.48 12.66
CA GLY A 223 5.19 23.41 12.31
C GLY A 223 5.02 23.98 10.93
N THR A 224 5.79 25.02 10.61
CA THR A 224 5.73 25.63 9.30
C THR A 224 7.15 25.98 8.92
N GLY A 225 7.39 26.26 7.63
CA GLY A 225 8.71 26.67 7.19
C GLY A 225 9.08 26.31 5.77
N ASN A 226 10.26 26.78 5.35
CA ASN A 226 10.78 26.54 4.01
C ASN A 226 11.62 25.27 4.03
N ILE A 227 11.13 24.24 3.35
CA ILE A 227 11.76 22.91 3.30
C ILE A 227 13.18 22.96 2.71
N VAL A 228 13.34 23.55 1.50
CA VAL A 228 14.63 23.70 0.80
C VAL A 228 15.68 24.33 1.74
N SER A 229 15.31 25.43 2.40
CA SER A 229 16.14 26.14 3.36
C SER A 229 16.58 25.20 4.51
N SER A 230 15.64 24.44 5.10
CA SER A 230 15.96 23.55 6.23
C SER A 230 16.86 22.42 5.76
N VAL A 231 16.57 21.83 4.59
CA VAL A 231 17.41 20.78 3.98
C VAL A 231 18.85 21.27 3.76
N ASN A 232 19.02 22.44 3.16
CA ASN A 232 20.37 22.93 2.90
C ASN A 232 21.16 23.24 4.20
N MET A 233 20.47 23.67 5.27
CA MET A 233 21.11 23.93 6.57
C MET A 233 21.69 22.61 7.12
N VAL A 234 20.93 21.50 6.98
CA VAL A 234 21.40 20.18 7.41
C VAL A 234 22.63 19.76 6.57
N SER A 235 22.53 19.94 5.23
CA SER A 235 23.66 19.57 4.34
C SER A 235 24.93 20.35 4.77
N ARG A 236 24.80 21.67 5.07
CA ARG A 236 25.92 22.50 5.53
C ARG A 236 26.45 22.00 6.87
N LEU A 237 25.53 21.67 7.82
CA LEU A 237 25.91 21.12 9.11
C LEU A 237 26.74 19.86 8.97
N LEU A 238 26.24 18.90 8.18
CA LEU A 238 26.89 17.60 7.99
C LEU A 238 28.19 17.72 7.22
N LEU A 239 28.30 18.71 6.30
CA LEU A 239 29.56 18.94 5.60
C LEU A 239 30.59 19.54 6.56
N ASN A 240 30.14 20.45 7.43
CA ASN A 240 31.02 21.07 8.40
C ASN A 240 31.57 20.04 9.37
N ARG A 241 30.77 19.01 9.69
CA ARG A 241 31.26 18.00 10.63
C ARG A 241 32.38 17.11 10.02
N PHE A 242 32.69 17.20 8.70
CA PHE A 242 33.85 16.47 8.16
C PHE A 242 35.16 17.27 8.44
N THR A 243 35.05 18.59 8.68
CA THR A 243 36.20 19.53 8.72
C THR A 243 37.00 19.57 10.02
N MET A 244 36.56 18.89 11.05
CA MET A 244 37.28 18.93 12.30
C MET A 244 37.35 17.58 12.95
N THR A 245 38.27 17.47 13.92
CA THR A 245 38.44 16.27 14.75
C THR A 245 37.11 15.94 15.41
N HIS A 246 36.81 14.63 15.56
CA HIS A 246 35.63 14.12 16.23
C HIS A 246 35.37 14.90 17.52
N ARG A 247 34.13 15.40 17.65
CA ARG A 247 33.61 16.04 18.88
C ARG A 247 32.81 14.96 19.58
N ARG A 248 33.15 14.61 20.82
CA ARG A 248 32.37 13.59 21.51
C ARG A 248 30.90 14.04 21.67
N PRO A 249 29.96 13.09 21.55
CA PRO A 249 28.54 13.48 21.61
C PRO A 249 28.06 13.92 22.97
N THR A 250 26.96 14.67 22.99
CA THR A 250 26.28 14.98 24.23
C THR A 250 25.65 13.65 24.65
N ILE A 251 25.88 13.20 25.90
CA ILE A 251 25.32 11.89 26.35
C ILE A 251 24.37 12.16 27.45
N GLU A 252 23.10 11.81 27.21
CA GLU A 252 21.96 12.05 28.10
C GLU A 252 21.44 10.77 28.71
N LYS A 253 20.66 10.91 29.75
CA LYS A 253 19.99 9.79 30.36
C LYS A 253 18.92 9.29 29.37
N ASP A 254 18.77 7.96 29.32
CA ASP A 254 17.77 7.37 28.49
C ASP A 254 16.41 7.55 29.20
N VAL A 255 15.30 7.25 28.49
CA VAL A 255 13.93 7.45 28.98
C VAL A 255 13.51 6.27 29.89
N ASP A 256 12.69 6.57 30.87
CA ASP A 256 12.12 5.59 31.75
C ASP A 256 10.64 5.56 31.37
N LEU A 257 10.22 4.40 30.80
CA LEU A 257 8.86 4.19 30.33
C LEU A 257 7.96 3.58 31.40
N GLY A 258 8.47 3.48 32.63
CA GLY A 258 7.70 2.99 33.78
C GLY A 258 7.11 1.59 33.68
N ALA A 259 5.95 1.42 34.33
CA ALA A 259 5.28 0.14 34.40
C ALA A 259 3.77 0.33 34.66
N GLY A 260 3.03 -0.78 34.50
CA GLY A 260 1.60 -0.83 34.76
C GLY A 260 0.69 -0.55 33.58
N THR A 261 -0.59 -0.86 33.77
CA THR A 261 -1.62 -0.63 32.77
C THR A 261 -2.19 0.79 32.83
N ARG A 262 -2.84 1.17 31.72
CA ARG A 262 -3.59 2.44 31.66
C ARG A 262 -5.08 2.12 31.55
N GLU B 7 -0.02 11.98 -27.19
CA GLU B 7 -0.92 10.92 -26.74
C GLU B 7 -0.16 9.81 -25.99
N THR B 8 -0.90 9.08 -25.15
CA THR B 8 -0.34 8.04 -24.30
C THR B 8 -0.04 6.78 -25.10
N LEU B 9 0.80 5.91 -24.51
CA LEU B 9 1.16 4.62 -25.06
C LEU B 9 -0.09 3.76 -25.25
N GLY B 10 -1.00 3.81 -24.28
CA GLY B 10 -2.23 3.06 -24.30
C GLY B 10 -3.10 3.49 -25.47
N GLU B 11 -3.12 4.81 -25.78
CA GLU B 11 -3.91 5.26 -26.93
C GLU B 11 -3.30 4.75 -28.24
N LYS B 12 -1.94 4.61 -28.30
CA LYS B 12 -1.26 4.09 -29.50
C LYS B 12 -1.57 2.60 -29.66
N TRP B 13 -1.70 1.90 -28.53
CA TRP B 13 -2.07 0.48 -28.49
C TRP B 13 -3.49 0.31 -29.01
N LYS B 14 -4.41 1.18 -28.54
CA LYS B 14 -5.83 1.21 -28.92
C LYS B 14 -6.02 1.41 -30.43
N LYS B 15 -5.26 2.33 -31.03
CA LYS B 15 -5.31 2.60 -32.47
C LYS B 15 -4.88 1.37 -33.28
N LYS B 16 -3.80 0.69 -32.83
CA LYS B 16 -3.26 -0.52 -33.47
C LYS B 16 -4.25 -1.68 -33.35
N LEU B 17 -4.87 -1.84 -32.16
CA LEU B 17 -5.87 -2.88 -31.92
C LEU B 17 -7.04 -2.74 -32.90
N ASN B 18 -7.50 -1.49 -33.10
CA ASN B 18 -8.60 -1.13 -33.98
C ASN B 18 -8.32 -1.36 -35.48
N GLN B 19 -7.03 -1.46 -35.88
CA GLN B 19 -6.63 -1.67 -37.27
C GLN B 19 -6.46 -3.17 -37.59
N LEU B 20 -6.62 -4.02 -36.57
CA LEU B 20 -6.50 -5.46 -36.74
C LEU B 20 -7.75 -6.04 -37.39
N SER B 21 -7.57 -7.05 -38.26
CA SER B 21 -8.67 -7.78 -38.87
C SER B 21 -9.27 -8.71 -37.79
N ARG B 22 -10.36 -9.41 -38.10
CA ARG B 22 -10.97 -10.33 -37.15
C ARG B 22 -10.02 -11.50 -36.85
N LYS B 23 -9.33 -12.03 -37.89
CA LYS B 23 -8.37 -13.13 -37.78
C LYS B 23 -7.17 -12.70 -36.93
N GLU B 24 -6.58 -11.52 -37.23
CA GLU B 24 -5.44 -11.00 -36.48
C GLU B 24 -5.81 -10.72 -35.02
N PHE B 25 -7.01 -10.15 -34.79
CA PHE B 25 -7.50 -9.83 -33.45
C PHE B 25 -7.66 -11.11 -32.59
N ASP B 26 -8.28 -12.17 -33.14
CA ASP B 26 -8.50 -13.43 -32.42
C ASP B 26 -7.20 -14.15 -32.05
N LEU B 27 -6.15 -13.98 -32.88
CA LEU B 27 -4.84 -14.58 -32.65
C LEU B 27 -4.10 -13.74 -31.58
N TYR B 28 -4.09 -12.41 -31.77
CA TYR B 28 -3.45 -11.48 -30.85
C TYR B 28 -4.00 -11.58 -29.42
N LYS B 29 -5.33 -11.58 -29.26
CA LYS B 29 -5.97 -11.50 -27.92
C LYS B 29 -5.54 -12.59 -26.92
N LYS B 30 -5.12 -13.77 -27.39
CA LYS B 30 -4.69 -14.88 -26.54
C LYS B 30 -3.15 -15.10 -26.51
N SER B 31 -2.36 -14.36 -27.34
CA SER B 31 -0.91 -14.56 -27.38
C SER B 31 -0.21 -14.28 -26.05
N GLY B 32 0.38 -15.34 -25.46
CA GLY B 32 1.08 -15.26 -24.19
C GLY B 32 0.24 -15.12 -22.92
N ILE B 33 -1.10 -15.13 -23.04
CA ILE B 33 -1.95 -14.98 -21.84
C ILE B 33 -2.06 -16.33 -21.09
N THR B 34 -2.68 -16.27 -19.91
CA THR B 34 -3.00 -17.47 -19.15
C THR B 34 -4.48 -17.63 -19.28
N GLU B 35 -4.96 -18.88 -19.38
CA GLU B 35 -6.39 -19.12 -19.37
C GLU B 35 -6.73 -20.46 -18.74
N VAL B 36 -7.89 -20.54 -18.09
CA VAL B 36 -8.35 -21.78 -17.50
C VAL B 36 -9.08 -22.64 -18.54
N ASP B 37 -8.93 -23.96 -18.43
CA ASP B 37 -9.63 -24.88 -19.30
C ASP B 37 -11.09 -25.01 -18.86
N ARG B 38 -12.01 -24.33 -19.58
CA ARG B 38 -13.43 -24.32 -19.27
C ARG B 38 -14.26 -25.47 -19.90
N THR B 39 -13.59 -26.43 -20.61
CA THR B 39 -14.20 -27.58 -21.30
C THR B 39 -15.13 -28.42 -20.38
N GLU B 40 -14.60 -28.96 -19.26
CA GLU B 40 -15.37 -29.79 -18.31
C GLU B 40 -16.51 -29.00 -17.65
N ALA B 41 -16.25 -27.74 -17.25
CA ALA B 41 -17.21 -26.85 -16.62
C ALA B 41 -18.38 -26.47 -17.54
N LYS B 42 -18.10 -26.14 -18.82
CA LYS B 42 -19.17 -25.80 -19.78
C LYS B 42 -20.15 -26.94 -19.97
N GLU B 43 -19.63 -28.18 -20.14
CA GLU B 43 -20.41 -29.41 -20.31
C GLU B 43 -21.25 -29.68 -19.04
N GLY B 44 -20.67 -29.42 -17.86
CA GLY B 44 -21.32 -29.63 -16.57
C GLY B 44 -22.50 -28.70 -16.39
N LEU B 45 -22.25 -27.39 -16.66
CA LEU B 45 -23.25 -26.33 -16.61
C LEU B 45 -24.38 -26.59 -17.61
N LYS B 46 -24.03 -27.15 -18.81
CA LYS B 46 -24.97 -27.54 -19.86
C LYS B 46 -25.91 -28.64 -19.34
N ARG B 47 -25.36 -29.64 -18.62
CA ARG B 47 -26.13 -30.75 -18.02
C ARG B 47 -26.89 -30.37 -16.75
N GLY B 48 -26.74 -29.11 -16.31
CA GLY B 48 -27.42 -28.56 -15.13
C GLY B 48 -26.78 -28.89 -13.79
N GLU B 49 -25.49 -29.26 -13.82
CA GLU B 49 -24.73 -29.59 -12.61
C GLU B 49 -24.53 -28.33 -11.75
N THR B 50 -24.77 -28.46 -10.44
CA THR B 50 -24.71 -27.31 -9.54
C THR B 50 -23.56 -27.39 -8.57
N THR B 51 -22.76 -28.46 -8.64
CA THR B 51 -21.60 -28.58 -7.75
C THR B 51 -20.30 -28.47 -8.51
N HIS B 52 -19.21 -28.07 -7.81
CA HIS B 52 -17.81 -27.96 -8.28
C HIS B 52 -17.53 -26.90 -9.32
N HIS B 53 -18.37 -26.77 -10.37
CA HIS B 53 -18.09 -25.84 -11.48
C HIS B 53 -18.18 -24.39 -11.13
N ALA B 54 -17.28 -23.57 -11.70
CA ALA B 54 -17.35 -22.12 -11.62
C ALA B 54 -18.34 -21.74 -12.75
N VAL B 55 -19.20 -20.78 -12.52
CA VAL B 55 -20.23 -20.37 -13.53
C VAL B 55 -19.63 -19.62 -14.72
N SER B 56 -18.47 -18.99 -14.53
CA SER B 56 -17.80 -18.20 -15.55
C SER B 56 -16.28 -18.31 -15.31
N ARG B 57 -15.48 -17.65 -16.18
CA ARG B 57 -14.03 -17.56 -16.04
C ARG B 57 -13.68 -16.63 -14.87
N GLY B 58 -14.66 -15.90 -14.37
CA GLY B 58 -14.50 -14.93 -13.29
C GLY B 58 -14.01 -15.51 -11.98
N SER B 59 -14.42 -16.76 -11.65
CA SER B 59 -13.95 -17.36 -10.42
C SER B 59 -12.40 -17.50 -10.39
N ALA B 60 -11.78 -18.09 -11.43
CA ALA B 60 -10.31 -18.20 -11.53
C ALA B 60 -9.66 -16.81 -11.58
N LYS B 61 -10.29 -15.86 -12.27
CA LYS B 61 -9.78 -14.50 -12.42
C LYS B 61 -9.59 -13.84 -11.05
N LEU B 62 -10.65 -13.86 -10.22
CA LEU B 62 -10.60 -13.34 -8.85
C LEU B 62 -9.62 -14.16 -8.01
N GLN B 63 -9.60 -15.50 -8.18
CA GLN B 63 -8.65 -16.34 -7.41
C GLN B 63 -7.19 -15.84 -7.61
N TRP B 64 -6.81 -15.43 -8.82
CA TRP B 64 -5.46 -14.96 -9.08
C TRP B 64 -5.09 -13.78 -8.12
N PHE B 65 -6.03 -12.82 -7.94
CA PHE B 65 -5.75 -11.71 -7.00
C PHE B 65 -5.75 -12.22 -5.51
N VAL B 66 -6.76 -13.03 -5.16
CA VAL B 66 -6.92 -13.50 -3.78
C VAL B 66 -5.73 -14.37 -3.31
N GLU B 67 -5.23 -15.27 -4.19
CA GLU B 67 -4.12 -16.14 -3.78
C GLU B 67 -2.77 -15.37 -3.67
N ARG B 68 -2.78 -14.08 -4.07
CA ARG B 68 -1.62 -13.19 -3.94
C ARG B 68 -1.85 -12.11 -2.88
N ASN B 69 -2.94 -12.22 -2.10
CA ASN B 69 -3.34 -11.29 -1.03
C ASN B 69 -3.62 -9.85 -1.50
N MET B 70 -3.85 -9.65 -2.83
CA MET B 70 -4.16 -8.34 -3.42
C MET B 70 -5.49 -7.77 -2.90
N VAL B 71 -6.45 -8.69 -2.61
CA VAL B 71 -7.73 -8.42 -2.00
C VAL B 71 -7.98 -9.64 -1.13
N ILE B 72 -8.38 -9.42 0.12
CA ILE B 72 -8.63 -10.49 1.08
C ILE B 72 -10.14 -10.44 1.39
N PRO B 73 -11.01 -11.17 0.64
CA PRO B 73 -12.46 -11.12 0.93
C PRO B 73 -12.73 -11.62 2.34
N GLU B 74 -13.56 -10.87 3.05
CA GLU B 74 -13.92 -11.18 4.44
C GLU B 74 -15.24 -10.53 4.79
N GLY B 75 -15.93 -11.11 5.79
CA GLY B 75 -17.20 -10.62 6.31
C GLY B 75 -18.26 -10.44 5.25
N ARG B 76 -18.98 -9.30 5.29
CA ARG B 76 -20.01 -8.96 4.29
C ARG B 76 -19.32 -8.51 2.97
N VAL B 77 -19.50 -9.29 1.90
CA VAL B 77 -18.95 -9.05 0.56
C VAL B 77 -20.07 -8.53 -0.36
N ILE B 78 -19.81 -7.39 -0.99
CA ILE B 78 -20.69 -6.79 -2.00
C ILE B 78 -20.00 -7.01 -3.37
N ASP B 79 -20.70 -7.69 -4.29
CA ASP B 79 -20.18 -7.94 -5.65
C ASP B 79 -21.04 -7.17 -6.67
N LEU B 80 -20.56 -5.97 -7.02
CA LEU B 80 -21.21 -5.08 -7.98
C LEU B 80 -20.97 -5.57 -9.41
N GLY B 81 -22.04 -5.75 -10.17
CA GLY B 81 -22.00 -6.29 -11.53
C GLY B 81 -21.60 -7.76 -11.47
N CYS B 82 -22.32 -8.56 -10.66
CA CYS B 82 -21.99 -9.96 -10.44
C CYS B 82 -22.17 -10.85 -11.68
N GLY B 83 -23.04 -10.44 -12.61
CA GLY B 83 -23.41 -11.22 -13.79
C GLY B 83 -23.88 -12.61 -13.41
N ARG B 84 -23.18 -13.66 -13.92
CA ARG B 84 -23.52 -15.07 -13.62
C ARG B 84 -23.23 -15.44 -12.15
N GLY B 85 -22.26 -14.74 -11.55
CA GLY B 85 -21.89 -14.91 -10.14
C GLY B 85 -20.54 -15.52 -9.83
N GLY B 86 -19.61 -15.55 -10.80
CA GLY B 86 -18.30 -16.17 -10.59
C GLY B 86 -17.54 -15.62 -9.39
N TRP B 87 -17.53 -14.28 -9.22
CA TRP B 87 -16.83 -13.68 -8.08
C TRP B 87 -17.51 -14.00 -6.78
N SER B 88 -18.84 -13.98 -6.78
CA SER B 88 -19.64 -14.28 -5.59
C SER B 88 -19.50 -15.74 -5.12
N TYR B 89 -19.56 -16.72 -6.05
CA TYR B 89 -19.45 -18.13 -5.66
C TYR B 89 -18.05 -18.48 -5.18
N TYR B 90 -17.04 -17.82 -5.76
CA TYR B 90 -15.67 -18.03 -5.32
C TYR B 90 -15.53 -17.52 -3.86
N CYS B 91 -15.97 -16.27 -3.59
CA CYS B 91 -15.89 -15.70 -2.25
C CYS B 91 -16.66 -16.53 -1.25
N ALA B 92 -17.79 -17.11 -1.68
CA ALA B 92 -18.65 -17.90 -0.77
C ALA B 92 -17.97 -19.06 -0.08
N GLY B 93 -16.88 -19.56 -0.67
CA GLY B 93 -16.14 -20.68 -0.08
C GLY B 93 -14.97 -20.30 0.80
N LEU B 94 -14.66 -18.99 0.93
CA LEU B 94 -13.52 -18.47 1.70
C LEU B 94 -13.91 -18.32 3.18
N LYS B 95 -13.06 -18.90 4.06
CA LYS B 95 -13.28 -18.97 5.51
C LYS B 95 -13.68 -17.63 6.14
N LYS B 96 -12.98 -16.55 5.78
CA LYS B 96 -13.24 -15.22 6.35
C LYS B 96 -14.57 -14.57 5.92
N VAL B 97 -15.17 -15.05 4.82
CA VAL B 97 -16.42 -14.48 4.30
C VAL B 97 -17.59 -15.04 5.10
N THR B 98 -18.54 -14.15 5.45
CA THR B 98 -19.74 -14.49 6.22
C THR B 98 -21.02 -14.25 5.41
N GLU B 99 -20.96 -13.36 4.39
CA GLU B 99 -22.12 -13.00 3.58
C GLU B 99 -21.69 -12.51 2.21
N VAL B 100 -22.41 -12.93 1.16
CA VAL B 100 -22.08 -12.45 -0.20
C VAL B 100 -23.38 -11.91 -0.83
N ARG B 101 -23.38 -10.65 -1.25
CA ARG B 101 -24.54 -10.04 -1.91
C ARG B 101 -24.10 -9.55 -3.28
N GLY B 102 -24.57 -10.24 -4.31
CA GLY B 102 -24.24 -9.91 -5.71
C GLY B 102 -25.37 -9.13 -6.35
N TYR B 103 -25.02 -8.02 -7.00
CA TYR B 103 -25.97 -7.13 -7.66
C TYR B 103 -25.63 -7.04 -9.13
N THR B 104 -26.61 -7.36 -10.00
CA THR B 104 -26.37 -7.27 -11.44
C THR B 104 -27.60 -6.72 -12.16
N LYS B 105 -27.38 -6.14 -13.34
CA LYS B 105 -28.39 -5.51 -14.20
C LYS B 105 -29.34 -6.55 -14.78
N GLY B 106 -28.81 -7.53 -15.52
CA GLY B 106 -29.63 -8.56 -16.15
C GLY B 106 -30.43 -7.95 -17.29
N GLY B 107 -31.49 -8.62 -17.70
CA GLY B 107 -32.33 -8.14 -18.78
C GLY B 107 -31.75 -8.42 -20.16
N PRO B 108 -32.33 -7.84 -21.24
CA PRO B 108 -31.81 -8.13 -22.59
C PRO B 108 -30.36 -7.70 -22.82
N GLY B 109 -29.55 -8.66 -23.25
CA GLY B 109 -28.14 -8.49 -23.56
C GLY B 109 -27.20 -8.52 -22.37
N HIS B 110 -27.72 -8.88 -21.18
CA HIS B 110 -26.89 -8.93 -19.96
C HIS B 110 -27.05 -10.22 -19.20
N GLU B 111 -25.91 -10.77 -18.74
CA GLU B 111 -25.82 -12.02 -17.99
C GLU B 111 -26.75 -12.06 -16.79
N GLU B 112 -27.41 -13.20 -16.60
CA GLU B 112 -28.31 -13.44 -15.49
C GLU B 112 -27.59 -14.29 -14.42
N PRO B 113 -27.81 -14.03 -13.11
CA PRO B 113 -27.19 -14.88 -12.07
C PRO B 113 -27.58 -16.36 -12.24
N VAL B 114 -26.58 -17.24 -12.21
CA VAL B 114 -26.75 -18.68 -12.37
C VAL B 114 -26.85 -19.34 -10.97
N PRO B 115 -27.98 -19.98 -10.62
CA PRO B 115 -28.09 -20.65 -9.30
C PRO B 115 -27.15 -21.85 -9.20
N MET B 116 -26.35 -21.91 -8.11
CA MET B 116 -25.39 -22.98 -7.89
C MET B 116 -25.41 -23.53 -6.47
N SER B 117 -24.88 -24.73 -6.29
CA SER B 117 -24.81 -25.38 -4.97
C SER B 117 -23.34 -25.63 -4.58
N THR B 118 -22.42 -24.76 -5.07
CA THR B 118 -21.01 -24.85 -4.74
C THR B 118 -20.80 -24.55 -3.26
N TYR B 119 -19.63 -24.90 -2.71
CA TYR B 119 -19.35 -24.73 -1.29
C TYR B 119 -19.65 -23.32 -0.81
N GLY B 120 -20.50 -23.22 0.19
CA GLY B 120 -20.91 -21.94 0.75
C GLY B 120 -22.06 -21.23 0.04
N TRP B 121 -22.73 -21.89 -0.93
CA TRP B 121 -23.85 -21.30 -1.73
C TRP B 121 -24.93 -20.61 -0.86
N ASN B 122 -25.17 -21.14 0.35
CA ASN B 122 -26.21 -20.64 1.25
C ASN B 122 -25.98 -19.22 1.77
N ILE B 123 -24.73 -18.73 1.75
CA ILE B 123 -24.42 -17.37 2.21
C ILE B 123 -24.45 -16.35 1.05
N VAL B 124 -24.87 -16.80 -0.15
CA VAL B 124 -24.91 -15.99 -1.38
C VAL B 124 -26.34 -15.54 -1.72
N LYS B 125 -26.52 -14.25 -2.03
CA LYS B 125 -27.80 -13.73 -2.53
C LYS B 125 -27.48 -12.94 -3.79
N LEU B 126 -27.83 -13.50 -4.97
CA LEU B 126 -27.58 -12.81 -6.24
C LEU B 126 -28.87 -12.16 -6.71
N MET B 127 -28.80 -10.85 -6.95
CA MET B 127 -29.99 -10.09 -7.32
C MET B 127 -29.87 -9.50 -8.70
N SER B 128 -30.78 -9.89 -9.60
CA SER B 128 -30.82 -9.35 -10.95
C SER B 128 -31.77 -8.15 -10.98
N GLY B 129 -31.78 -7.42 -12.11
CA GLY B 129 -32.61 -6.24 -12.27
C GLY B 129 -32.17 -5.08 -11.38
N LYS B 130 -30.87 -5.08 -10.99
CA LYS B 130 -30.30 -4.07 -10.12
C LYS B 130 -29.17 -3.31 -10.78
N ASP B 131 -29.49 -2.13 -11.33
CA ASP B 131 -28.51 -1.23 -11.95
C ASP B 131 -27.78 -0.60 -10.76
N VAL B 132 -26.46 -0.88 -10.64
CA VAL B 132 -25.64 -0.43 -9.51
C VAL B 132 -25.44 1.10 -9.47
N PHE B 133 -25.66 1.80 -10.61
CA PHE B 133 -25.62 3.26 -10.68
C PHE B 133 -26.85 3.84 -9.96
N TYR B 134 -27.95 3.04 -9.84
CA TYR B 134 -29.18 3.44 -9.15
C TYR B 134 -29.39 2.60 -7.88
N LEU B 135 -28.30 1.92 -7.40
CA LEU B 135 -28.29 1.12 -6.17
C LEU B 135 -27.64 1.95 -5.05
N PRO B 136 -28.36 2.23 -3.93
CA PRO B 136 -27.74 3.05 -2.86
C PRO B 136 -26.58 2.36 -2.14
N PRO B 137 -25.40 3.05 -1.95
CA PRO B 137 -24.27 2.41 -1.25
C PRO B 137 -24.62 1.83 0.13
N GLU B 138 -24.13 0.63 0.40
CA GLU B 138 -24.38 -0.12 1.64
C GLU B 138 -23.06 -0.30 2.42
N LYS B 139 -23.15 -0.54 3.75
CA LYS B 139 -21.94 -0.80 4.54
C LYS B 139 -21.49 -2.24 4.26
N CYS B 140 -20.18 -2.43 3.99
CA CYS B 140 -19.62 -3.75 3.69
C CYS B 140 -18.13 -3.82 4.07
N ASP B 141 -17.60 -5.06 4.20
CA ASP B 141 -16.19 -5.31 4.56
C ASP B 141 -15.29 -5.51 3.33
N THR B 142 -15.89 -5.92 2.20
CA THR B 142 -15.24 -6.16 0.92
C THR B 142 -16.15 -5.60 -0.18
N LEU B 143 -15.57 -4.76 -1.04
CA LEU B 143 -16.29 -4.17 -2.16
C LEU B 143 -15.66 -4.69 -3.46
N LEU B 144 -16.40 -5.46 -4.22
CA LEU B 144 -15.92 -5.97 -5.50
C LEU B 144 -16.74 -5.35 -6.61
N CYS B 145 -16.10 -5.03 -7.71
CA CYS B 145 -16.78 -4.42 -8.85
C CYS B 145 -16.07 -4.85 -10.11
N ASP B 146 -16.80 -5.47 -11.03
CA ASP B 146 -16.24 -6.00 -12.27
C ASP B 146 -17.01 -5.47 -13.50
N ILE B 147 -17.30 -4.15 -13.51
CA ILE B 147 -18.07 -3.47 -14.57
C ILE B 147 -17.20 -2.64 -15.51
N GLY B 148 -17.49 -2.74 -16.80
CA GLY B 148 -16.81 -1.95 -17.83
C GLY B 148 -16.96 -2.54 -19.21
N GLU B 149 -17.84 -1.94 -20.05
CA GLU B 149 -18.10 -2.42 -21.41
C GLU B 149 -17.11 -1.78 -22.37
N SER B 150 -16.34 -2.61 -23.10
CA SER B 150 -15.37 -2.13 -24.10
C SER B 150 -16.05 -1.42 -25.30
N SER B 151 -15.33 -0.47 -25.88
CA SER B 151 -15.77 0.24 -27.07
C SER B 151 -14.55 0.50 -27.92
N PRO B 152 -14.70 0.50 -29.28
CA PRO B 152 -13.54 0.86 -30.14
C PRO B 152 -13.05 2.28 -29.82
N SER B 153 -13.94 3.12 -29.25
CA SER B 153 -13.61 4.50 -28.89
C SER B 153 -13.08 4.62 -27.45
N PRO B 154 -11.80 5.05 -27.28
CA PRO B 154 -11.26 5.25 -25.93
C PRO B 154 -11.93 6.40 -25.17
N THR B 155 -12.55 7.40 -25.90
CA THR B 155 -13.31 8.49 -25.26
C THR B 155 -14.59 7.91 -24.63
N VAL B 156 -15.26 6.97 -25.33
CA VAL B 156 -16.45 6.26 -24.84
C VAL B 156 -16.07 5.46 -23.57
N GLU B 157 -14.96 4.71 -23.63
CA GLU B 157 -14.48 3.93 -22.50
C GLU B 157 -14.10 4.81 -21.32
N GLU B 158 -13.50 5.97 -21.59
CA GLU B 158 -13.10 6.94 -20.56
C GLU B 158 -14.33 7.39 -19.75
N SER B 159 -15.41 7.79 -20.45
CA SER B 159 -16.66 8.24 -19.83
C SER B 159 -17.20 7.13 -18.96
N ARG B 160 -17.17 5.88 -19.47
CA ARG B 160 -17.64 4.65 -18.83
C ARG B 160 -16.85 4.33 -17.57
N THR B 161 -15.53 4.45 -17.64
CA THR B 161 -14.63 4.15 -16.51
C THR B 161 -14.82 5.21 -15.39
N ILE B 162 -14.84 6.51 -15.74
CA ILE B 162 -15.07 7.58 -14.75
C ILE B 162 -16.42 7.39 -14.03
N ARG B 163 -17.48 7.00 -14.78
CA ARG B 163 -18.80 6.76 -14.23
C ARG B 163 -18.70 5.69 -13.13
N VAL B 164 -18.03 4.56 -13.42
CA VAL B 164 -17.79 3.47 -12.48
C VAL B 164 -17.00 3.97 -11.25
N LEU B 165 -15.91 4.72 -11.47
CA LEU B 165 -15.07 5.20 -10.37
C LEU B 165 -15.84 6.12 -9.41
N LYS B 166 -16.69 7.01 -9.93
CA LYS B 166 -17.52 7.94 -9.14
C LYS B 166 -18.56 7.15 -8.36
N MET B 167 -19.03 6.06 -8.97
CA MET B 167 -20.04 5.16 -8.40
C MET B 167 -19.49 4.35 -7.23
N VAL B 168 -18.28 3.77 -7.38
CA VAL B 168 -17.67 2.90 -6.36
C VAL B 168 -17.16 3.64 -5.13
N GLU B 169 -16.62 4.85 -5.30
CA GLU B 169 -15.97 5.63 -4.25
C GLU B 169 -16.78 5.69 -2.94
N PRO B 170 -18.10 6.04 -2.91
CA PRO B 170 -18.80 6.08 -1.61
C PRO B 170 -19.01 4.72 -0.95
N TRP B 171 -18.80 3.60 -1.70
CA TRP B 171 -18.88 2.24 -1.17
C TRP B 171 -17.58 1.91 -0.44
N LEU B 172 -16.54 2.76 -0.58
CA LEU B 172 -15.21 2.53 -0.02
C LEU B 172 -14.99 3.33 1.25
N LYS B 173 -14.70 2.61 2.35
CA LYS B 173 -14.51 3.18 3.69
C LYS B 173 -13.65 2.23 4.53
N ASN B 174 -12.30 2.30 4.34
CA ASN B 174 -11.32 1.45 5.03
C ASN B 174 -11.69 -0.04 4.96
N ASN B 175 -12.02 -0.51 3.76
CA ASN B 175 -12.35 -1.90 3.55
C ASN B 175 -11.56 -2.49 2.41
N GLN B 176 -11.68 -3.81 2.26
CA GLN B 176 -11.00 -4.54 1.20
C GLN B 176 -11.72 -4.24 -0.10
N PHE B 177 -10.98 -4.12 -1.22
CA PHE B 177 -11.67 -3.90 -2.48
C PHE B 177 -10.90 -4.41 -3.67
N CYS B 178 -11.62 -4.67 -4.76
CA CYS B 178 -11.06 -5.10 -6.04
C CYS B 178 -12.04 -4.58 -7.09
N ILE B 179 -11.60 -3.55 -7.83
CA ILE B 179 -12.44 -2.83 -8.77
C ILE B 179 -11.84 -2.79 -10.16
N LYS B 180 -12.65 -3.24 -11.17
CA LYS B 180 -12.21 -3.18 -12.56
C LYS B 180 -12.14 -1.75 -13.04
N VAL B 181 -11.01 -1.41 -13.64
CA VAL B 181 -10.75 -0.15 -14.30
C VAL B 181 -10.62 -0.50 -15.79
N LEU B 182 -11.76 -0.35 -16.54
CA LEU B 182 -11.87 -0.67 -17.97
C LEU B 182 -10.78 -0.02 -18.80
N ASN B 183 -10.67 1.31 -18.74
CA ASN B 183 -9.69 2.07 -19.50
C ASN B 183 -8.84 2.87 -18.50
N PRO B 184 -7.67 2.34 -18.10
CA PRO B 184 -6.83 3.05 -17.12
C PRO B 184 -5.82 4.02 -17.73
N TYR B 185 -5.71 4.07 -19.08
CA TYR B 185 -4.66 4.87 -19.75
C TYR B 185 -5.08 6.28 -20.19
N MET B 186 -6.38 6.60 -20.28
CA MET B 186 -6.78 7.95 -20.70
C MET B 186 -6.36 8.98 -19.62
N PRO B 187 -5.78 10.13 -20.02
CA PRO B 187 -5.27 11.10 -19.03
C PRO B 187 -6.24 11.49 -17.90
N THR B 188 -7.52 11.72 -18.23
CA THR B 188 -8.52 12.10 -17.23
C THR B 188 -8.75 10.94 -16.22
N VAL B 189 -8.66 9.67 -16.69
CA VAL B 189 -8.86 8.51 -15.80
C VAL B 189 -7.68 8.44 -14.82
N ILE B 190 -6.47 8.65 -15.31
CA ILE B 190 -5.25 8.63 -14.50
C ILE B 190 -5.37 9.68 -13.36
N GLU B 191 -5.80 10.94 -13.69
CA GLU B 191 -5.97 12.00 -12.68
C GLU B 191 -6.97 11.53 -11.62
N HIS B 192 -8.08 10.92 -12.08
CA HIS B 192 -9.10 10.42 -11.19
C HIS B 192 -8.56 9.30 -10.28
N LEU B 193 -7.79 8.35 -10.86
CA LEU B 193 -7.15 7.26 -10.12
C LEU B 193 -6.13 7.78 -9.10
N GLU B 194 -5.29 8.79 -9.48
CA GLU B 194 -4.31 9.37 -8.56
C GLU B 194 -5.00 10.03 -7.34
N ARG B 195 -6.10 10.77 -7.58
CA ARG B 195 -6.91 11.38 -6.53
C ARG B 195 -7.48 10.27 -5.63
N LEU B 196 -8.06 9.22 -6.24
CA LEU B 196 -8.62 8.09 -5.48
C LEU B 196 -7.57 7.37 -4.60
N GLN B 197 -6.35 7.17 -5.13
CA GLN B 197 -5.23 6.52 -4.44
C GLN B 197 -4.74 7.39 -3.27
N ARG B 198 -4.71 8.73 -3.44
CA ARG B 198 -4.30 9.58 -2.33
C ARG B 198 -5.31 9.53 -1.18
N LYS B 199 -6.57 9.17 -1.46
CA LYS B 199 -7.62 9.09 -0.44
C LYS B 199 -7.78 7.69 0.18
N HIS B 200 -7.89 6.65 -0.67
CA HIS B 200 -8.13 5.27 -0.24
C HIS B 200 -6.93 4.32 -0.34
N GLY B 201 -5.82 4.78 -0.91
CA GLY B 201 -4.66 3.92 -1.09
C GLY B 201 -4.93 2.89 -2.18
N GLY B 202 -4.30 1.74 -2.05
CA GLY B 202 -4.43 0.72 -3.08
C GLY B 202 -3.53 0.99 -4.26
N MET B 203 -3.60 0.09 -5.22
CA MET B 203 -2.76 0.16 -6.39
C MET B 203 -3.47 -0.51 -7.55
N LEU B 204 -3.10 -0.17 -8.80
CA LEU B 204 -3.62 -0.79 -10.03
C LEU B 204 -2.72 -1.97 -10.38
N VAL B 205 -3.35 -3.11 -10.70
CA VAL B 205 -2.63 -4.34 -11.06
C VAL B 205 -3.17 -4.92 -12.33
N ARG B 206 -2.31 -5.64 -13.06
CA ARG B 206 -2.73 -6.30 -14.29
C ARG B 206 -2.87 -7.81 -14.02
N ASN B 207 -3.99 -8.38 -14.42
CA ASN B 207 -4.29 -9.80 -14.27
C ASN B 207 -3.83 -10.54 -15.55
N PRO B 208 -2.99 -11.60 -15.45
CA PRO B 208 -2.54 -12.32 -16.66
C PRO B 208 -3.61 -13.15 -17.32
N LEU B 209 -4.76 -13.35 -16.63
CA LEU B 209 -5.90 -14.03 -17.23
C LEU B 209 -6.71 -13.03 -18.09
N SER B 210 -6.36 -11.70 -18.08
CA SER B 210 -7.04 -10.74 -18.98
C SER B 210 -6.48 -10.96 -20.40
N ARG B 211 -7.33 -10.86 -21.43
CA ARG B 211 -6.91 -11.04 -22.82
C ARG B 211 -6.14 -9.81 -23.26
N ASN B 212 -5.33 -9.94 -24.32
CA ASN B 212 -4.55 -8.81 -24.82
C ASN B 212 -5.40 -7.71 -25.47
N SER B 213 -6.66 -8.05 -25.83
CA SER B 213 -7.63 -7.16 -26.46
C SER B 213 -8.23 -6.14 -25.48
N THR B 214 -7.90 -6.24 -24.20
CA THR B 214 -8.37 -5.30 -23.19
C THR B 214 -7.22 -4.78 -22.35
N HIS B 215 -7.21 -3.47 -22.09
CA HIS B 215 -6.16 -2.81 -21.30
C HIS B 215 -6.62 -2.72 -19.83
N GLU B 216 -7.70 -3.43 -19.48
CA GLU B 216 -8.24 -3.41 -18.13
C GLU B 216 -7.18 -3.70 -17.06
N MET B 217 -7.29 -2.96 -15.96
CA MET B 217 -6.46 -3.16 -14.78
C MET B 217 -7.40 -3.11 -13.61
N TYR B 218 -6.99 -3.67 -12.49
CA TYR B 218 -7.83 -3.71 -11.30
C TYR B 218 -7.24 -2.91 -10.17
N TRP B 219 -8.04 -2.04 -9.57
CA TRP B 219 -7.64 -1.23 -8.43
C TRP B 219 -7.92 -2.12 -7.20
N ILE B 220 -6.83 -2.57 -6.55
CA ILE B 220 -6.92 -3.45 -5.38
C ILE B 220 -6.52 -2.67 -4.14
N SER B 221 -7.04 -3.07 -2.97
CA SER B 221 -6.77 -2.31 -1.75
C SER B 221 -5.39 -2.50 -1.14
N ASN B 222 -4.83 -3.72 -1.28
CA ASN B 222 -3.61 -4.09 -0.59
C ASN B 222 -2.36 -3.83 -1.40
N GLY B 223 -2.05 -2.57 -1.60
CA GLY B 223 -0.93 -2.20 -2.43
C GLY B 223 -0.69 -0.72 -2.45
N THR B 224 0.48 -0.35 -2.99
CA THR B 224 0.93 1.03 -3.17
C THR B 224 1.74 1.07 -4.45
N GLY B 225 2.12 2.28 -4.84
CA GLY B 225 2.96 2.45 -6.01
C GLY B 225 2.53 3.51 -6.99
N ASN B 226 3.26 3.57 -8.09
CA ASN B 226 3.10 4.56 -9.11
C ASN B 226 2.13 4.07 -10.19
N ILE B 227 0.89 4.61 -10.17
CA ILE B 227 -0.16 4.22 -11.11
C ILE B 227 0.25 4.44 -12.57
N VAL B 228 0.82 5.64 -12.92
CA VAL B 228 1.24 5.95 -14.30
C VAL B 228 2.24 4.92 -14.83
N SER B 229 3.27 4.66 -14.03
CA SER B 229 4.30 3.69 -14.33
C SER B 229 3.68 2.30 -14.57
N SER B 230 2.72 1.88 -13.70
CA SER B 230 2.08 0.55 -13.91
C SER B 230 1.25 0.48 -15.20
N VAL B 231 0.52 1.55 -15.52
CA VAL B 231 -0.32 1.68 -16.73
C VAL B 231 0.58 1.63 -17.98
N ASN B 232 1.67 2.42 -18.01
CA ASN B 232 2.56 2.38 -19.17
C ASN B 232 3.28 1.01 -19.33
N MET B 233 3.60 0.32 -18.23
CA MET B 233 4.23 -0.99 -18.37
C MET B 233 3.25 -1.95 -19.04
N VAL B 234 1.96 -1.90 -18.67
CA VAL B 234 0.94 -2.72 -19.36
C VAL B 234 0.86 -2.33 -20.87
N SER B 235 0.86 -1.03 -21.18
CA SER B 235 0.82 -0.59 -22.59
C SER B 235 2.02 -1.16 -23.34
N ARG B 236 3.23 -1.13 -22.72
CA ARG B 236 4.45 -1.63 -23.35
C ARG B 236 4.32 -3.15 -23.56
N LEU B 237 3.81 -3.88 -22.56
CA LEU B 237 3.62 -5.32 -22.67
C LEU B 237 2.66 -5.65 -23.85
N LEU B 238 1.50 -4.96 -23.93
CA LEU B 238 0.50 -5.21 -24.96
C LEU B 238 0.97 -4.80 -26.34
N LEU B 239 1.73 -3.70 -26.45
CA LEU B 239 2.33 -3.29 -27.72
C LEU B 239 3.32 -4.33 -28.23
N ASN B 240 4.25 -4.83 -27.36
CA ASN B 240 5.20 -5.87 -27.79
C ASN B 240 4.49 -7.16 -28.21
N ARG B 241 3.33 -7.48 -27.60
CA ARG B 241 2.60 -8.71 -27.92
C ARG B 241 1.98 -8.70 -29.35
N PHE B 242 1.93 -7.52 -30.02
CA PHE B 242 1.44 -7.46 -31.41
C PHE B 242 2.40 -8.17 -32.33
N THR B 243 3.71 -7.92 -32.13
CA THR B 243 4.80 -8.36 -33.00
C THR B 243 5.50 -9.64 -32.58
N MET B 244 5.67 -9.89 -31.28
CA MET B 244 6.38 -11.08 -30.76
C MET B 244 5.89 -12.42 -31.37
N THR B 245 6.79 -13.43 -31.40
CA THR B 245 6.43 -14.76 -31.91
C THR B 245 5.23 -15.24 -31.10
N HIS B 246 4.08 -15.49 -31.80
CA HIS B 246 2.83 -15.94 -31.16
C HIS B 246 3.07 -17.13 -30.22
N ARG B 247 2.55 -17.01 -28.99
CA ARG B 247 2.64 -18.10 -28.03
C ARG B 247 1.23 -18.50 -27.71
N ARG B 248 0.87 -19.78 -27.92
CA ARG B 248 -0.47 -20.23 -27.57
C ARG B 248 -0.68 -19.96 -26.07
N PRO B 249 -1.91 -19.67 -25.59
CA PRO B 249 -2.06 -19.37 -24.17
C PRO B 249 -1.64 -20.48 -23.23
N THR B 250 -1.16 -20.10 -22.04
CA THR B 250 -0.78 -21.06 -21.02
C THR B 250 -2.10 -21.54 -20.42
N ILE B 251 -2.41 -22.84 -20.57
CA ILE B 251 -3.64 -23.44 -20.08
C ILE B 251 -3.49 -24.00 -18.66
N GLU B 252 -4.38 -23.56 -17.75
CA GLU B 252 -4.37 -24.01 -16.36
C GLU B 252 -5.72 -24.66 -15.98
N LYS B 253 -5.71 -25.53 -14.98
CA LYS B 253 -6.96 -26.16 -14.53
C LYS B 253 -7.86 -25.09 -13.90
N ASP B 254 -9.16 -25.15 -14.21
CA ASP B 254 -10.13 -24.23 -13.66
C ASP B 254 -10.38 -24.57 -12.18
N VAL B 255 -10.91 -23.59 -11.43
CA VAL B 255 -11.20 -23.72 -10.00
C VAL B 255 -12.22 -24.82 -9.76
N ASP B 256 -12.11 -25.49 -8.61
CA ASP B 256 -13.05 -26.49 -8.17
C ASP B 256 -13.66 -25.84 -6.94
N LEU B 257 -14.92 -25.39 -7.06
CA LEU B 257 -15.59 -24.68 -5.96
C LEU B 257 -16.40 -25.61 -5.01
N GLY B 258 -16.17 -26.93 -5.09
CA GLY B 258 -16.76 -27.92 -4.20
C GLY B 258 -18.28 -27.95 -4.11
N ALA B 259 -18.76 -28.33 -2.93
CA ALA B 259 -20.18 -28.51 -2.71
C ALA B 259 -20.51 -28.33 -1.25
N GLY B 260 -21.79 -28.25 -0.95
CA GLY B 260 -22.27 -28.21 0.41
C GLY B 260 -22.43 -26.86 1.04
N THR B 261 -23.23 -26.82 2.10
CA THR B 261 -23.44 -25.58 2.83
C THR B 261 -22.29 -25.28 3.80
N ARG B 262 -22.24 -24.03 4.23
CA ARG B 262 -21.33 -23.55 5.27
C ARG B 262 -22.13 -23.24 6.53
N SAM C . 10.90 3.57 15.50
CA SAM C . 11.46 2.22 15.79
C SAM C . 11.81 2.10 17.28
O SAM C . 11.60 3.11 18.00
OXT SAM C . 12.26 1.00 17.69
CB SAM C . 12.68 1.94 14.91
CG SAM C . 12.24 1.88 13.43
SD SAM C . 13.55 1.26 12.37
CE SAM C . 14.47 2.70 11.93
C5' SAM C . 12.61 1.04 10.91
C4' SAM C . 11.95 -0.33 10.94
O4' SAM C . 11.11 -0.38 9.76
C3' SAM C . 12.84 -1.57 10.92
O3' SAM C . 12.54 -2.38 12.06
C2' SAM C . 12.46 -2.30 9.61
O2' SAM C . 12.42 -3.71 9.76
C1' SAM C . 11.06 -1.74 9.34
N9 SAM C . 10.60 -1.79 7.96
C8 SAM C . 11.33 -1.56 6.82
N7 SAM C . 10.63 -1.65 5.71
C5 SAM C . 9.36 -1.99 6.15
C6 SAM C . 8.16 -2.28 5.47
N6 SAM C . 8.09 -2.37 4.14
N1 SAM C . 7.06 -2.58 6.20
C2 SAM C . 7.18 -2.63 7.53
N3 SAM C . 8.26 -2.42 8.29
C4 SAM C . 9.32 -2.08 7.53
C1 X0V D . 15.92 -16.09 10.19
C2 X0V D . 15.37 -14.82 10.79
C3 X0V D . 15.80 -12.48 11.34
C4 X0V D . 16.26 -13.73 10.84
C6 X0V D . 14.44 -12.36 11.80
C7 X0V D . 14.05 -14.73 11.23
F1 X0V D . 16.64 -15.89 9.08
F2 X0V D . 16.75 -16.76 10.98
F3 X0V D . 15.03 -16.97 9.83
C8 X0V D . 13.57 -13.49 11.75
N1 X0V D . 16.66 -11.32 11.38
N2 X0V D . 13.97 -11.17 12.33
N SAM E . -17.34 -10.97 -12.12
CA SAM E . -18.22 -11.66 -13.11
C SAM E . -18.16 -13.18 -12.89
O SAM E . -17.23 -13.63 -12.17
OXT SAM E . -19.03 -13.88 -13.46
CB SAM E . -17.84 -11.30 -14.56
CG SAM E . -18.01 -9.78 -14.92
SD SAM E . -19.21 -9.45 -16.22
CE SAM E . -20.39 -10.68 -15.93
C5' SAM E . -19.91 -7.88 -15.61
C4' SAM E . -21.46 -7.79 -15.51
O4' SAM E . -21.88 -6.47 -15.09
C3' SAM E . -22.23 -8.12 -16.78
O3' SAM E . -23.02 -9.30 -16.57
C2' SAM E . -23.06 -6.86 -17.07
O2' SAM E . -24.36 -7.21 -17.52
C1' SAM E . -23.14 -6.23 -15.69
N9 SAM E . -23.39 -4.79 -15.64
C8 SAM E . -22.96 -3.82 -16.51
N7 SAM E . -23.31 -2.60 -16.17
C5 SAM E . -24.03 -2.79 -14.99
C6 SAM E . -24.70 -1.88 -14.14
N6 SAM E . -24.87 -0.59 -14.41
N1 SAM E . -25.29 -2.39 -13.02
C2 SAM E . -25.22 -3.71 -12.81
N3 SAM E . -24.66 -4.66 -13.57
C4 SAM E . -24.07 -4.13 -14.65
#